data_2C80
#
_entry.id   2C80
#
_cell.length_a   52.832
_cell.length_b   52.832
_cell.length_c   141.451
_cell.angle_alpha   90.00
_cell.angle_beta   90.00
_cell.angle_gamma   120.00
#
_symmetry.space_group_name_H-M   'P 32'
#
loop_
_entity.id
_entity.type
_entity.pdbx_description
1 polymer 'GLUTATHIONE S-TRANSFERASE 28 KDA'
2 non-polymer S-HEXYLGLUTATHIONE
3 non-polymer 'TETRAETHYLENE GLYCOL'
4 water water
#
_entity_poly.entity_id   1
_entity_poly.type   'polypeptide(L)'
_entity_poly.pdbx_seq_one_letter_code
;MTGDHIKVIYFNGRGRAESIRMTLVAAGVNYEDERISFQDWPKIKPTIPGGRLPAVKITDNHGHVKWMVESLAIARYMAK
KHHMMGGTEEEYYNVEKLIGQAEDLEHEYYKTLMKPEEEKQKIIKEILNGKVPVLLDIICESLKASTGKLAVGDKVTLAD
LVLIAVIDHVTDLDKEFLTGKYPEIHKHRENLLASSPRLAKYLSDRAATPF
;
_entity_poly.pdbx_strand_id   A,B
#
# COMPACT_ATOMS: atom_id res chain seq x y z
N ASP A 4 -5.27 5.14 27.53
CA ASP A 4 -5.46 3.84 26.80
C ASP A 4 -4.20 3.01 26.84
N HIS A 5 -4.36 1.71 27.02
CA HIS A 5 -3.25 0.80 26.84
C HIS A 5 -3.20 0.32 25.40
N ILE A 6 -2.05 0.51 24.76
CA ILE A 6 -1.85 0.08 23.38
C ILE A 6 -0.80 -1.02 23.40
N LYS A 7 -1.18 -2.21 22.96
CA LYS A 7 -0.24 -3.31 22.85
C LYS A 7 -0.02 -3.66 21.39
N VAL A 8 1.23 -3.54 20.94
CA VAL A 8 1.59 -3.90 19.57
C VAL A 8 2.16 -5.32 19.60
N ILE A 9 1.51 -6.23 18.87
CA ILE A 9 1.89 -7.63 18.87
C ILE A 9 2.53 -8.00 17.53
N TYR A 10 3.77 -8.47 17.57
CA TYR A 10 4.48 -8.91 16.38
C TYR A 10 5.50 -10.00 16.72
N PHE A 11 6.30 -10.38 15.73
CA PHE A 11 7.43 -11.26 15.96
C PHE A 11 8.63 -10.41 16.39
N ASN A 12 9.73 -11.06 16.75
CA ASN A 12 10.93 -10.35 17.18
C ASN A 12 11.67 -9.83 15.96
N GLY A 13 11.15 -8.73 15.42
CA GLY A 13 11.73 -8.10 14.24
C GLY A 13 11.04 -6.80 13.88
N ARG A 14 11.60 -6.11 12.90
CA ARG A 14 11.03 -4.86 12.41
C ARG A 14 9.82 -5.17 11.53
N GLY A 15 10.08 -5.80 10.39
CA GLY A 15 9.02 -6.29 9.51
C GLY A 15 7.91 -5.28 9.31
N ARG A 16 6.67 -5.77 9.40
CA ARG A 16 5.49 -4.93 9.19
C ARG A 16 5.09 -4.09 10.40
N ALA A 17 5.65 -4.40 11.56
CA ALA A 17 5.26 -3.68 12.79
C ALA A 17 5.97 -2.35 12.94
N GLU A 18 7.05 -2.16 12.19
CA GLU A 18 7.94 -1.02 12.46
C GLU A 18 7.28 0.32 12.19
N SER A 19 6.38 0.37 11.20
CA SER A 19 5.67 1.59 10.84
C SER A 19 4.82 2.07 12.01
N ILE A 20 4.17 1.11 12.67
CA ILE A 20 3.32 1.38 13.84
C ILE A 20 4.14 1.87 15.03
N ARG A 21 5.23 1.16 15.32
CA ARG A 21 6.10 1.48 16.44
C ARG A 21 6.62 2.91 16.29
N MET A 22 7.18 3.18 15.11
CA MET A 22 7.76 4.50 14.80
C MET A 22 6.74 5.62 14.84
N THR A 23 5.53 5.35 14.37
CA THR A 23 4.44 6.33 14.40
C THR A 23 4.16 6.77 15.84
N LEU A 24 3.96 5.80 16.73
CA LEU A 24 3.68 6.07 18.15
C LEU A 24 4.86 6.75 18.83
N VAL A 25 6.07 6.31 18.51
CA VAL A 25 7.27 6.92 19.06
C VAL A 25 7.33 8.39 18.63
N ALA A 26 7.19 8.64 17.34
CA ALA A 26 7.22 9.99 16.81
C ALA A 26 6.13 10.86 17.43
N ALA A 27 4.93 10.29 17.61
CA ALA A 27 3.80 10.99 18.22
C ALA A 27 3.89 11.14 19.74
N GLY A 28 4.82 10.42 20.37
CA GLY A 28 5.00 10.46 21.81
C GLY A 28 3.96 9.64 22.55
N VAL A 29 3.49 8.57 21.93
CA VAL A 29 2.47 7.73 22.54
C VAL A 29 3.11 6.44 23.06
N ASN A 30 2.88 6.15 24.35
CA ASN A 30 3.36 4.94 24.98
C ASN A 30 2.59 3.72 24.50
N TYR A 31 3.30 2.60 24.42
CA TYR A 31 2.69 1.34 24.05
C TYR A 31 3.51 0.20 24.60
N GLU A 32 2.84 -0.94 24.75
CA GLU A 32 3.51 -2.18 25.09
C GLU A 32 3.93 -2.85 23.78
N ASP A 33 5.24 -3.08 23.63
CA ASP A 33 5.78 -3.72 22.45
C ASP A 33 5.92 -5.22 22.73
N GLU A 34 4.92 -6.00 22.34
CA GLU A 34 4.95 -7.44 22.62
C GLU A 34 5.51 -8.25 21.45
N ARG A 35 6.60 -8.97 21.71
CA ARG A 35 7.24 -9.83 20.70
C ARG A 35 7.02 -11.33 20.97
N ILE A 36 6.33 -11.97 20.02
CA ILE A 36 5.99 -13.39 20.10
C ILE A 36 7.07 -14.22 19.41
N SER A 37 7.63 -15.18 20.12
CA SER A 37 8.62 -16.07 19.52
C SER A 37 7.97 -17.04 18.53
N PHE A 38 8.74 -17.52 17.56
CA PHE A 38 8.25 -18.43 16.54
C PHE A 38 7.77 -19.77 17.11
N GLN A 39 8.32 -20.13 18.27
CA GLN A 39 7.93 -21.32 19.03
C GLN A 39 6.54 -21.17 19.65
N ASP A 40 6.24 -19.97 20.14
CA ASP A 40 4.97 -19.69 20.82
C ASP A 40 3.84 -19.32 19.86
N TRP A 41 4.17 -19.06 18.60
CA TRP A 41 3.19 -18.60 17.61
C TRP A 41 1.99 -19.53 17.46
N PRO A 42 2.24 -20.85 17.32
CA PRO A 42 1.13 -21.81 17.21
C PRO A 42 0.02 -21.68 18.27
N LYS A 43 0.34 -21.42 19.53
CA LYS A 43 -0.73 -21.25 20.54
C LYS A 43 -1.32 -19.83 20.57
N ILE A 44 -0.50 -18.83 20.24
CA ILE A 44 -0.98 -17.45 20.19
C ILE A 44 -1.90 -17.20 18.99
N LYS A 45 -1.55 -17.80 17.85
CA LYS A 45 -2.28 -17.62 16.58
C LYS A 45 -3.82 -17.64 16.69
N PRO A 46 -4.41 -18.67 17.35
CA PRO A 46 -5.87 -18.68 17.55
C PRO A 46 -6.46 -17.52 18.37
N THR A 47 -5.67 -16.92 19.27
CA THR A 47 -6.14 -15.80 20.10
C THR A 47 -6.13 -14.46 19.34
N ILE A 48 -5.46 -14.43 18.18
CA ILE A 48 -5.37 -13.24 17.34
C ILE A 48 -6.49 -13.19 16.31
N PRO A 49 -7.34 -12.15 16.37
CA PRO A 49 -8.39 -11.98 15.37
C PRO A 49 -7.77 -11.86 14.00
N GLY A 50 -8.16 -12.74 13.08
CA GLY A 50 -7.58 -12.77 11.73
C GLY A 50 -6.35 -13.67 11.62
N GLY A 51 -5.82 -14.06 12.77
CA GLY A 51 -4.70 -15.01 12.86
C GLY A 51 -3.35 -14.57 12.30
N ARG A 52 -3.15 -13.27 12.09
CA ARG A 52 -1.88 -12.79 11.58
C ARG A 52 -1.36 -11.58 12.35
N LEU A 53 -0.06 -11.34 12.23
CA LEU A 53 0.55 -10.17 12.83
C LEU A 53 1.14 -9.22 11.76
N PRO A 54 1.24 -7.92 12.06
CA PRO A 54 0.93 -7.20 13.30
C PRO A 54 -0.55 -7.18 13.68
N ALA A 55 -0.81 -7.26 14.98
CA ALA A 55 -2.12 -6.99 15.54
C ALA A 55 -1.94 -6.02 16.69
N VAL A 56 -2.87 -5.09 16.83
CA VAL A 56 -2.80 -4.09 17.88
C VAL A 56 -4.05 -4.23 18.75
N LYS A 57 -3.81 -4.41 20.05
CA LYS A 57 -4.90 -4.53 21.01
C LYS A 57 -4.95 -3.28 21.87
N ILE A 58 -6.06 -2.57 21.80
CA ILE A 58 -6.23 -1.32 22.52
C ILE A 58 -7.29 -1.49 23.60
N THR A 59 -6.90 -1.23 24.85
CA THR A 59 -7.82 -1.28 25.98
C THR A 59 -7.96 0.10 26.61
N ASP A 60 -9.19 0.57 26.69
CA ASP A 60 -9.49 1.85 27.31
C ASP A 60 -9.70 1.67 28.83
N ASN A 61 -9.73 2.76 29.59
CA ASN A 61 -9.93 2.64 31.04
C ASN A 61 -11.39 2.36 31.44
N HIS A 62 -12.23 2.11 30.45
CA HIS A 62 -13.61 1.66 30.68
C HIS A 62 -13.87 0.29 30.05
N GLY A 63 -12.80 -0.51 29.94
CA GLY A 63 -12.90 -1.92 29.55
C GLY A 63 -13.15 -2.25 28.09
N HIS A 64 -13.16 -1.24 27.22
CA HIS A 64 -13.34 -1.49 25.78
C HIS A 64 -12.05 -2.08 25.21
N VAL A 65 -12.18 -3.13 24.41
CA VAL A 65 -11.06 -3.76 23.75
C VAL A 65 -11.25 -3.59 22.24
N LYS A 66 -10.34 -2.82 21.65
CA LYS A 66 -10.36 -2.60 20.20
C LYS A 66 -9.19 -3.38 19.58
N TRP A 67 -9.51 -4.31 18.68
CA TRP A 67 -8.48 -5.01 17.90
C TRP A 67 -8.31 -4.36 16.54
N MET A 68 -7.04 -4.18 16.14
CA MET A 68 -6.71 -3.61 14.84
C MET A 68 -5.69 -4.48 14.11
N VAL A 69 -5.91 -4.69 12.82
CA VAL A 69 -4.98 -5.41 11.95
C VAL A 69 -4.67 -4.59 10.68
N GLU A 70 -3.74 -5.10 9.86
CA GLU A 70 -3.23 -4.45 8.65
C GLU A 70 -2.34 -3.25 9.02
N SER A 71 -1.04 -3.51 9.05
CA SER A 71 -0.06 -2.58 9.63
C SER A 71 -0.17 -1.14 9.14
N LEU A 72 -0.21 -0.93 7.83
CA LEU A 72 -0.21 0.43 7.29
C LEU A 72 -1.59 1.11 7.42
N ALA A 73 -2.63 0.32 7.60
CA ALA A 73 -3.95 0.84 7.94
C ALA A 73 -3.95 1.40 9.37
N ILE A 74 -3.37 0.62 10.30
CA ILE A 74 -3.17 1.04 11.68
C ILE A 74 -2.29 2.29 11.75
N ALA A 75 -1.13 2.26 11.08
CA ALA A 75 -0.19 3.38 11.12
C ALA A 75 -0.83 4.65 10.57
N ARG A 76 -1.56 4.52 9.46
CA ARG A 76 -2.27 5.63 8.84
C ARG A 76 -3.33 6.24 9.77
N TYR A 77 -4.06 5.36 10.44
CA TYR A 77 -5.01 5.74 11.48
C TYR A 77 -4.34 6.55 12.58
N MET A 78 -3.30 5.97 13.19
CA MET A 78 -2.56 6.63 14.27
C MET A 78 -1.91 7.94 13.82
N ALA A 79 -1.28 7.91 12.64
CA ALA A 79 -0.66 9.09 12.03
C ALA A 79 -1.69 10.20 11.80
N LYS A 80 -2.86 9.83 11.28
CA LYS A 80 -3.94 10.78 11.05
C LYS A 80 -4.40 11.43 12.36
N LYS A 81 -4.60 10.62 13.40
CA LYS A 81 -4.97 11.11 14.75
C LYS A 81 -3.98 12.14 15.28
N HIS A 82 -2.71 12.01 14.91
CA HIS A 82 -1.68 12.88 15.44
C HIS A 82 -1.06 13.80 14.39
N HIS A 83 -1.85 14.10 13.36
CA HIS A 83 -1.51 15.08 12.31
C HIS A 83 -0.20 14.78 11.58
N MET A 84 -0.03 13.51 11.22
CA MET A 84 1.16 13.04 10.51
C MET A 84 0.83 12.50 9.12
N MET A 85 -0.32 12.91 8.57
CA MET A 85 -0.74 12.47 7.23
C MET A 85 -0.91 13.63 6.24
N GLY A 86 -0.40 14.80 6.58
CA GLY A 86 -0.52 15.97 5.72
C GLY A 86 -1.46 17.02 6.28
N GLY A 87 -1.13 18.29 6.04
CA GLY A 87 -1.96 19.40 6.49
C GLY A 87 -2.96 19.82 5.42
N THR A 88 -2.67 19.45 4.18
CA THR A 88 -3.54 19.73 3.04
C THR A 88 -3.76 18.47 2.19
N GLU A 89 -4.72 18.52 1.27
CA GLU A 89 -4.95 17.45 0.30
C GLU A 89 -3.69 17.17 -0.53
N GLU A 90 -2.98 18.24 -0.86
CA GLU A 90 -1.74 18.19 -1.64
C GLU A 90 -0.59 17.52 -0.86
N GLU A 91 -0.43 17.89 0.41
CA GLU A 91 0.51 17.23 1.32
C GLU A 91 0.12 15.77 1.57
N TYR A 92 -1.17 15.51 1.72
CA TYR A 92 -1.70 14.13 1.83
C TYR A 92 -1.29 13.25 0.64
N TYR A 93 -1.44 13.77 -0.58
CA TYR A 93 -1.02 13.08 -1.79
C TYR A 93 0.48 12.75 -1.74
N ASN A 94 1.30 13.73 -1.36
CA ASN A 94 2.75 13.55 -1.31
C ASN A 94 3.25 12.58 -0.24
N VAL A 95 2.59 12.60 0.93
CA VAL A 95 2.76 11.58 1.97
C VAL A 95 2.49 10.19 1.36
N GLU A 96 1.32 10.03 0.75
CA GLU A 96 0.94 8.77 0.12
C GLU A 96 1.83 8.35 -1.05
N LYS A 97 2.26 9.32 -1.85
CA LYS A 97 3.17 9.05 -2.98
C LYS A 97 4.45 8.39 -2.49
N LEU A 98 5.06 8.95 -1.45
CA LEU A 98 6.26 8.37 -0.84
C LEU A 98 6.06 7.02 -0.13
N ILE A 99 4.92 6.83 0.53
CA ILE A 99 4.59 5.53 1.12
C ILE A 99 4.47 4.47 0.01
N GLY A 100 3.82 4.84 -1.10
CA GLY A 100 3.68 3.93 -2.24
C GLY A 100 5.00 3.53 -2.86
N GLN A 101 5.89 4.52 -3.05
CA GLN A 101 7.22 4.27 -3.60
C GLN A 101 8.09 3.42 -2.67
N ALA A 102 7.98 3.68 -1.37
CA ALA A 102 8.74 2.95 -0.36
C ALA A 102 8.21 1.51 -0.19
N GLU A 103 6.90 1.35 -0.29
CA GLU A 103 6.30 0.01 -0.25
C GLU A 103 6.66 -0.84 -1.47
N ASP A 104 6.79 -0.21 -2.63
CA ASP A 104 7.30 -0.90 -3.82
C ASP A 104 8.67 -1.50 -3.58
N LEU A 105 9.53 -0.69 -2.96
CA LEU A 105 10.88 -1.10 -2.60
C LEU A 105 10.85 -2.22 -1.57
N GLU A 106 9.97 -2.10 -0.58
CA GLU A 106 9.79 -3.15 0.43
C GLU A 106 9.44 -4.51 -0.21
N HIS A 107 8.56 -4.46 -1.22
CA HIS A 107 8.14 -5.65 -1.94
C HIS A 107 9.20 -6.25 -2.86
N GLU A 108 10.18 -5.44 -3.28
CA GLU A 108 11.37 -5.96 -3.95
C GLU A 108 12.21 -6.77 -2.96
N TYR A 109 12.40 -6.19 -1.77
CA TYR A 109 13.12 -6.85 -0.68
C TYR A 109 12.47 -8.17 -0.23
N TYR A 110 11.14 -8.23 -0.30
CA TYR A 110 10.39 -9.43 0.07
C TYR A 110 10.71 -10.66 -0.77
N LYS A 111 11.03 -10.44 -2.05
CA LYS A 111 11.39 -11.52 -2.98
C LYS A 111 12.57 -12.38 -2.51
N THR A 112 13.42 -11.79 -1.68
CA THR A 112 14.64 -12.42 -1.20
C THR A 112 14.39 -13.30 0.04
N LEU A 113 13.21 -13.14 0.65
CA LEU A 113 12.85 -13.81 1.91
C LEU A 113 12.31 -15.23 1.73
N MET A 114 12.49 -16.05 2.77
CA MET A 114 12.06 -17.46 2.78
C MET A 114 12.69 -18.31 1.66
N LYS A 115 13.87 -17.87 1.24
CA LYS A 115 14.61 -18.49 0.13
C LYS A 115 15.94 -19.02 0.66
N PRO A 116 16.37 -20.19 0.16
CA PRO A 116 17.66 -20.77 0.55
C PRO A 116 18.83 -19.91 0.08
N GLU A 117 19.89 -19.86 0.87
CA GLU A 117 21.06 -18.99 0.61
C GLU A 117 21.36 -18.79 -0.87
N GLU A 118 21.72 -19.90 -1.54
CA GLU A 118 21.81 -19.99 -2.99
C GLU A 118 21.00 -18.96 -3.79
N GLU A 119 19.69 -19.16 -3.87
CA GLU A 119 18.86 -18.34 -4.74
C GLU A 119 18.49 -16.97 -4.13
N LYS A 120 18.66 -16.84 -2.82
CA LYS A 120 18.56 -15.54 -2.14
C LYS A 120 19.58 -14.56 -2.77
N GLN A 121 20.79 -15.04 -2.99
CA GLN A 121 21.87 -14.24 -3.59
C GLN A 121 21.60 -13.92 -5.07
N LYS A 122 21.05 -14.86 -5.81
CA LYS A 122 20.67 -14.61 -7.21
C LYS A 122 19.61 -13.51 -7.30
N ILE A 123 18.62 -13.58 -6.42
CA ILE A 123 17.53 -12.58 -6.36
C ILE A 123 18.04 -11.22 -5.90
N ILE A 124 18.89 -11.20 -4.87
CA ILE A 124 19.52 -9.97 -4.42
C ILE A 124 20.18 -9.24 -5.59
N LYS A 125 21.01 -9.96 -6.34
CA LYS A 125 21.71 -9.41 -7.51
C LYS A 125 20.73 -8.88 -8.54
N GLU A 126 19.67 -9.64 -8.80
CA GLU A 126 18.61 -9.23 -9.72
C GLU A 126 17.99 -7.90 -9.33
N ILE A 127 17.52 -7.78 -8.08
CA ILE A 127 16.80 -6.56 -7.68
C ILE A 127 17.71 -5.33 -7.53
N LEU A 128 18.93 -5.55 -7.01
CA LEU A 128 19.94 -4.49 -6.89
C LEU A 128 20.46 -3.98 -8.25
N ASN A 129 20.41 -4.83 -9.27
CA ASN A 129 20.78 -4.41 -10.63
C ASN A 129 19.60 -3.83 -11.41
N GLY A 130 18.41 -4.02 -10.86
CA GLY A 130 17.17 -3.63 -11.55
C GLY A 130 16.33 -2.62 -10.80
N LYS A 131 15.30 -3.10 -10.11
CA LYS A 131 14.24 -2.25 -9.63
C LYS A 131 14.60 -1.39 -8.42
N VAL A 132 15.49 -1.88 -7.57
CA VAL A 132 15.91 -1.15 -6.38
C VAL A 132 16.47 0.26 -6.68
N PRO A 133 17.55 0.38 -7.49
CA PRO A 133 18.04 1.73 -7.85
C PRO A 133 17.01 2.60 -8.55
N VAL A 134 16.17 1.99 -9.39
CA VAL A 134 15.07 2.68 -10.05
C VAL A 134 14.14 3.31 -9.01
N LEU A 135 13.80 2.55 -7.97
CA LEU A 135 12.90 3.03 -6.93
C LEU A 135 13.57 4.05 -6.01
N LEU A 136 14.85 3.84 -5.70
CA LEU A 136 15.60 4.78 -4.88
C LEU A 136 15.72 6.16 -5.52
N ASP A 137 15.95 6.21 -6.83
CA ASP A 137 15.98 7.48 -7.56
C ASP A 137 14.62 8.19 -7.51
N ILE A 138 13.58 7.41 -7.77
CA ILE A 138 12.21 7.91 -7.73
C ILE A 138 11.89 8.51 -6.35
N ILE A 139 12.34 7.84 -5.30
CA ILE A 139 12.20 8.33 -3.93
C ILE A 139 12.98 9.64 -3.77
N CYS A 140 14.19 9.70 -4.34
CA CYS A 140 15.02 10.90 -4.29
C CYS A 140 14.34 12.10 -4.96
N GLU A 141 13.65 11.84 -6.06
CA GLU A 141 12.88 12.88 -6.74
C GLU A 141 11.69 13.37 -5.90
N SER A 142 10.99 12.45 -5.25
CA SER A 142 9.92 12.81 -4.31
C SER A 142 10.46 13.71 -3.20
N LEU A 143 11.60 13.32 -2.61
CA LEU A 143 12.22 14.08 -1.52
C LEU A 143 12.68 15.47 -1.95
N LYS A 144 13.26 15.56 -3.15
CA LYS A 144 13.71 16.84 -3.70
C LYS A 144 12.58 17.84 -3.84
N ALA A 145 11.40 17.34 -4.21
CA ALA A 145 10.21 18.17 -4.42
C ALA A 145 9.53 18.66 -3.13
N SER A 146 10.05 18.26 -1.97
CA SER A 146 9.48 18.72 -0.69
C SER A 146 9.77 20.21 -0.46
N THR A 147 8.84 20.89 0.21
CA THR A 147 9.03 22.31 0.54
C THR A 147 9.77 22.49 1.86
N GLY A 148 10.05 21.40 2.56
CA GLY A 148 10.72 21.46 3.86
C GLY A 148 11.91 20.54 4.04
N LYS A 149 12.36 20.41 5.29
CA LYS A 149 13.48 19.54 5.70
C LYS A 149 13.19 18.05 5.54
N LEU A 150 11.92 17.70 5.66
CA LEU A 150 11.47 16.31 5.73
C LEU A 150 10.80 15.90 4.44
N ALA A 151 10.17 14.72 4.43
CA ALA A 151 9.55 14.16 3.23
C ALA A 151 8.53 15.08 2.62
N VAL A 152 7.67 15.63 3.49
CA VAL A 152 6.62 16.56 3.09
C VAL A 152 6.59 17.67 4.13
N GLY A 153 7.03 18.86 3.75
CA GLY A 153 7.12 19.99 4.68
C GLY A 153 8.20 19.80 5.72
N ASP A 154 7.96 20.37 6.90
CA ASP A 154 8.96 20.44 7.97
C ASP A 154 8.60 19.59 9.20
N LYS A 155 7.36 19.12 9.27
CA LYS A 155 6.94 18.26 10.37
C LYS A 155 6.90 16.78 9.94
N VAL A 156 7.05 15.89 10.92
CA VAL A 156 7.07 14.44 10.68
C VAL A 156 5.72 13.92 10.16
N THR A 157 5.81 13.10 9.12
CA THR A 157 4.65 12.43 8.56
C THR A 157 4.96 10.93 8.51
N LEU A 158 3.95 10.10 8.25
CA LEU A 158 4.15 8.65 8.12
C LEU A 158 5.16 8.27 7.02
N ALA A 159 5.25 9.11 5.99
CA ALA A 159 6.18 8.91 4.88
C ALA A 159 7.64 8.91 5.33
N ASP A 160 7.98 9.77 6.28
CA ASP A 160 9.31 9.83 6.87
C ASP A 160 9.70 8.48 7.48
N LEU A 161 8.73 7.88 8.17
CA LEU A 161 8.94 6.68 8.99
C LEU A 161 8.98 5.43 8.13
N VAL A 162 8.02 5.32 7.21
CA VAL A 162 8.00 4.25 6.22
C VAL A 162 9.30 4.22 5.41
N LEU A 163 9.80 5.38 5.00
CA LEU A 163 11.03 5.46 4.21
C LEU A 163 12.29 4.93 4.91
N ILE A 164 12.51 5.31 6.17
CA ILE A 164 13.71 4.89 6.88
C ILE A 164 13.69 3.39 7.23
N ALA A 165 12.52 2.81 7.44
CA ALA A 165 12.40 1.38 7.72
C ALA A 165 12.74 0.54 6.48
N VAL A 166 12.30 0.99 5.31
CA VAL A 166 12.56 0.24 4.07
C VAL A 166 14.00 0.40 3.60
N ILE A 167 14.62 1.55 3.89
CA ILE A 167 16.04 1.75 3.62
C ILE A 167 16.86 0.79 4.49
N ASP A 168 16.42 0.58 5.72
CA ASP A 168 17.06 -0.40 6.60
C ASP A 168 16.99 -1.82 6.05
N HIS A 169 15.91 -2.13 5.33
CA HIS A 169 15.79 -3.42 4.66
C HIS A 169 16.72 -3.51 3.45
N VAL A 170 16.89 -2.39 2.74
CA VAL A 170 17.79 -2.32 1.60
C VAL A 170 19.24 -2.51 2.04
N THR A 171 19.63 -1.84 3.12
CA THR A 171 20.98 -1.99 3.64
C THR A 171 21.21 -3.39 4.23
N ASP A 172 20.15 -4.04 4.69
CA ASP A 172 20.23 -5.45 5.08
C ASP A 172 20.71 -6.35 3.93
N LEU A 173 20.28 -6.03 2.71
CA LEU A 173 20.68 -6.82 1.53
C LEU A 173 22.12 -6.51 1.12
N ASP A 174 22.52 -5.26 1.34
CA ASP A 174 23.80 -4.73 0.92
C ASP A 174 24.11 -3.48 1.75
N LYS A 175 25.03 -3.59 2.70
CA LYS A 175 25.36 -2.50 3.62
C LYS A 175 25.71 -1.18 2.91
N GLU A 176 26.40 -1.26 1.78
CA GLU A 176 26.98 -0.08 1.12
C GLU A 176 26.23 0.36 -0.12
N PHE A 177 25.01 -0.13 -0.31
CA PHE A 177 24.32 0.16 -1.57
C PHE A 177 24.11 1.65 -1.81
N LEU A 178 23.82 2.39 -0.74
CA LEU A 178 23.60 3.84 -0.82
C LEU A 178 24.86 4.67 -0.55
N THR A 179 25.97 4.01 -0.24
CA THR A 179 27.20 4.75 0.05
C THR A 179 27.68 5.53 -1.18
N GLY A 180 27.84 6.83 -1.00
CA GLY A 180 28.28 7.71 -2.08
C GLY A 180 27.16 8.08 -3.03
N LYS A 181 25.97 7.54 -2.79
CA LYS A 181 24.83 7.76 -3.69
C LYS A 181 23.62 8.32 -2.95
N TYR A 182 22.59 8.66 -3.73
CA TYR A 182 21.28 9.06 -3.21
C TYR A 182 21.39 10.06 -2.06
N PRO A 183 22.01 11.23 -2.32
CA PRO A 183 22.21 12.24 -1.27
C PRO A 183 20.91 12.66 -0.58
N GLU A 184 19.79 12.63 -1.29
CA GLU A 184 18.50 13.07 -0.71
C GLU A 184 18.03 12.15 0.41
N ILE A 185 18.32 10.85 0.28
CA ILE A 185 17.89 9.85 1.25
C ILE A 185 18.70 9.94 2.54
N HIS A 186 20.01 10.12 2.40
CA HIS A 186 20.90 10.37 3.54
C HIS A 186 20.52 11.65 4.28
N LYS A 187 20.36 12.73 3.53
CA LYS A 187 20.00 14.02 4.13
C LYS A 187 18.63 13.95 4.81
N HIS A 188 17.73 13.14 4.26
CA HIS A 188 16.42 12.92 4.86
C HIS A 188 16.51 12.27 6.25
N ARG A 189 17.28 11.19 6.37
CA ARG A 189 17.41 10.48 7.64
C ARG A 189 18.02 11.37 8.71
N GLU A 190 19.00 12.20 8.35
CA GLU A 190 19.61 13.10 9.31
C GLU A 190 18.69 14.23 9.77
N ASN A 191 17.94 14.83 8.86
CA ASN A 191 16.92 15.84 9.18
C ASN A 191 15.78 15.26 10.03
N LEU A 192 15.41 14.02 9.75
CA LEU A 192 14.34 13.35 10.49
C LEU A 192 14.78 13.08 11.93
N LEU A 193 16.01 12.59 12.10
CA LEU A 193 16.55 12.35 13.44
C LEU A 193 16.76 13.64 14.23
N ALA A 194 17.15 14.71 13.53
CA ALA A 194 17.29 16.04 14.12
C ALA A 194 15.94 16.62 14.60
N SER A 195 14.93 16.47 13.76
CA SER A 195 13.58 16.93 14.05
C SER A 195 12.86 16.10 15.11
N SER A 196 13.30 14.86 15.30
CA SER A 196 12.62 13.95 16.22
C SER A 196 13.56 13.23 17.20
N PRO A 197 13.97 13.92 18.29
CA PRO A 197 14.76 13.30 19.38
C PRO A 197 14.20 11.98 19.89
N ARG A 198 12.87 11.87 19.95
CA ARG A 198 12.17 10.64 20.34
C ARG A 198 12.50 9.46 19.44
N LEU A 199 12.41 9.70 18.13
CA LEU A 199 12.74 8.68 17.15
C LEU A 199 14.23 8.34 17.18
N ALA A 200 15.08 9.36 17.26
CA ALA A 200 16.53 9.16 17.37
C ALA A 200 16.88 8.26 18.56
N LYS A 201 16.27 8.52 19.71
CA LYS A 201 16.49 7.67 20.89
C LYS A 201 15.94 6.25 20.70
N TYR A 202 14.77 6.15 20.09
CA TYR A 202 14.15 4.85 19.80
C TYR A 202 15.09 3.99 18.96
N LEU A 203 15.58 4.56 17.87
CA LEU A 203 16.51 3.89 16.95
C LEU A 203 17.82 3.50 17.63
N SER A 204 18.32 4.34 18.53
CA SER A 204 19.49 4.01 19.35
C SER A 204 19.27 2.80 20.25
N ASP A 205 18.05 2.64 20.78
CA ASP A 205 17.75 1.62 21.80
C ASP A 205 17.33 0.24 21.28
N ARG A 206 16.91 0.16 20.02
CA ARG A 206 16.69 -1.13 19.38
C ARG A 206 18.03 -1.49 18.72
N ALA A 207 18.62 -2.67 18.95
CA ALA A 207 18.03 -3.96 19.29
C ALA A 207 17.94 -4.67 17.94
N ALA A 208 19.11 -4.97 17.40
CA ALA A 208 19.27 -5.52 16.05
C ALA A 208 18.45 -6.78 15.83
N THR A 209 17.75 -6.80 14.71
CA THR A 209 16.95 -7.93 14.30
C THR A 209 17.27 -8.22 12.85
N PRO A 210 17.10 -9.49 12.41
CA PRO A 210 17.45 -9.85 11.03
C PRO A 210 16.44 -9.40 9.97
N PHE A 211 15.23 -9.02 10.38
CA PHE A 211 14.18 -8.63 9.42
C PHE A 211 13.34 -7.44 9.90
N ASP B 4 -11.26 21.12 -15.25
CA ASP B 4 -9.87 20.62 -15.45
C ASP B 4 -9.90 19.45 -16.42
N HIS B 5 -8.85 19.35 -17.24
CA HIS B 5 -8.67 18.17 -18.04
C HIS B 5 -7.80 17.16 -17.31
N ILE B 6 -8.33 15.95 -17.13
CA ILE B 6 -7.60 14.86 -16.49
C ILE B 6 -7.26 13.80 -17.52
N LYS B 7 -5.97 13.57 -17.73
CA LYS B 7 -5.54 12.50 -18.61
C LYS B 7 -4.86 11.41 -17.80
N VAL B 8 -5.44 10.21 -17.84
CA VAL B 8 -4.81 9.05 -17.19
C VAL B 8 -3.98 8.30 -18.24
N ILE B 9 -2.69 8.13 -17.98
CA ILE B 9 -1.78 7.48 -18.91
C ILE B 9 -1.35 6.13 -18.34
N TYR B 10 -1.59 5.07 -19.10
CA TYR B 10 -1.18 3.72 -18.73
C TYR B 10 -1.03 2.85 -19.98
N PHE B 11 -0.66 1.59 -19.77
CA PHE B 11 -0.62 0.62 -20.85
C PHE B 11 -2.05 0.15 -21.17
N ASN B 12 -2.21 -0.67 -22.20
CA ASN B 12 -3.55 -1.16 -22.53
C ASN B 12 -3.94 -2.29 -21.57
N GLY B 13 -4.35 -1.90 -20.37
CA GLY B 13 -4.69 -2.86 -19.33
C GLY B 13 -5.27 -2.27 -18.07
N ARG B 14 -5.73 -3.15 -17.19
CA ARG B 14 -6.25 -2.74 -15.89
C ARG B 14 -5.08 -2.36 -14.99
N GLY B 15 -4.31 -3.37 -14.56
CA GLY B 15 -3.07 -3.16 -13.81
C GLY B 15 -3.22 -2.15 -12.70
N ARG B 16 -2.29 -1.20 -12.65
CA ARG B 16 -2.24 -0.19 -11.59
C ARG B 16 -3.12 1.02 -11.85
N ALA B 17 -3.58 1.19 -13.09
CA ALA B 17 -4.41 2.34 -13.42
C ALA B 17 -5.88 2.17 -13.04
N GLU B 18 -6.30 0.93 -12.80
CA GLU B 18 -7.74 0.67 -12.65
C GLU B 18 -8.34 1.34 -11.41
N SER B 19 -7.54 1.55 -10.38
CA SER B 19 -8.00 2.21 -9.15
C SER B 19 -8.33 3.67 -9.41
N ILE B 20 -7.56 4.29 -10.29
CA ILE B 20 -7.76 5.69 -10.68
C ILE B 20 -9.02 5.82 -11.55
N ARG B 21 -9.11 4.97 -12.56
CA ARG B 21 -10.23 4.99 -13.49
C ARG B 21 -11.55 4.83 -12.74
N MET B 22 -11.62 3.80 -11.89
CA MET B 22 -12.81 3.48 -11.11
C MET B 22 -13.18 4.58 -10.11
N THR B 23 -12.18 5.14 -9.43
CA THR B 23 -12.39 6.29 -8.53
C THR B 23 -13.11 7.44 -9.23
N LEU B 24 -12.52 7.91 -10.32
CA LEU B 24 -13.10 8.96 -11.17
C LEU B 24 -14.47 8.58 -11.73
N VAL B 25 -14.61 7.34 -12.19
CA VAL B 25 -15.91 6.86 -12.70
C VAL B 25 -16.97 6.90 -11.59
N ALA B 26 -16.64 6.35 -10.42
CA ALA B 26 -17.55 6.34 -9.29
C ALA B 26 -17.95 7.75 -8.84
N ALA B 27 -16.98 8.68 -8.85
CA ALA B 27 -17.21 10.07 -8.45
C ALA B 27 -17.88 10.91 -9.56
N GLY B 28 -18.02 10.34 -10.74
CA GLY B 28 -18.65 11.01 -11.87
C GLY B 28 -17.72 12.00 -12.54
N VAL B 29 -16.42 11.79 -12.36
CA VAL B 29 -15.43 12.70 -12.94
C VAL B 29 -14.98 12.21 -14.31
N ASN B 30 -15.14 13.08 -15.30
CA ASN B 30 -14.71 12.83 -16.66
C ASN B 30 -13.18 12.85 -16.80
N TYR B 31 -12.66 11.96 -17.63
CA TYR B 31 -11.22 11.92 -17.88
C TYR B 31 -10.92 11.35 -19.25
N GLU B 32 -9.74 11.72 -19.76
CA GLU B 32 -9.21 11.10 -20.95
C GLU B 32 -8.40 9.87 -20.52
N ASP B 33 -8.77 8.72 -21.04
CA ASP B 33 -8.10 7.47 -20.74
C ASP B 33 -7.10 7.15 -21.86
N GLU B 34 -5.83 7.48 -21.64
CA GLU B 34 -4.82 7.28 -22.69
C GLU B 34 -4.04 5.96 -22.51
N ARG B 35 -4.15 5.08 -23.48
CA ARG B 35 -3.46 3.79 -23.44
C ARG B 35 -2.27 3.73 -24.42
N ILE B 36 -1.08 3.47 -23.87
CA ILE B 36 0.18 3.45 -24.61
C ILE B 36 0.54 2.02 -24.99
N SER B 37 0.77 1.77 -26.28
CA SER B 37 1.27 0.48 -26.74
C SER B 37 2.70 0.24 -26.25
N PHE B 38 3.05 -1.02 -26.04
CA PHE B 38 4.38 -1.40 -25.57
C PHE B 38 5.47 -1.00 -26.56
N GLN B 39 5.11 -1.04 -27.84
CA GLN B 39 5.99 -0.63 -28.92
C GLN B 39 6.26 0.88 -28.91
N ASP B 40 5.25 1.66 -28.51
CA ASP B 40 5.38 3.13 -28.43
C ASP B 40 6.05 3.62 -27.15
N TRP B 41 6.15 2.73 -26.16
CA TRP B 41 6.62 3.10 -24.81
C TRP B 41 8.02 3.76 -24.77
N PRO B 42 9.02 3.20 -25.49
CA PRO B 42 10.35 3.82 -25.53
C PRO B 42 10.41 5.31 -25.91
N LYS B 43 9.53 5.77 -26.80
CA LYS B 43 9.50 7.20 -27.15
C LYS B 43 8.67 8.03 -26.14
N ILE B 44 7.63 7.40 -25.59
CA ILE B 44 6.80 8.05 -24.57
C ILE B 44 7.52 8.16 -23.22
N LYS B 45 8.25 7.11 -22.84
CA LYS B 45 8.90 7.01 -21.52
C LYS B 45 9.64 8.28 -21.04
N PRO B 46 10.51 8.88 -21.89
CA PRO B 46 11.24 10.09 -21.45
C PRO B 46 10.37 11.34 -21.23
N THR B 47 9.17 11.35 -21.80
CA THR B 47 8.25 12.49 -21.63
C THR B 47 7.42 12.40 -20.35
N ILE B 48 7.52 11.26 -19.66
CA ILE B 48 6.80 11.03 -18.41
C ILE B 48 7.70 11.32 -17.19
N PRO B 49 7.26 12.21 -16.29
CA PRO B 49 8.02 12.47 -15.07
C PRO B 49 8.14 11.19 -14.24
N GLY B 50 9.38 10.76 -14.01
CA GLY B 50 9.64 9.53 -13.27
C GLY B 50 9.73 8.31 -14.16
N GLY B 51 9.37 8.50 -15.44
CA GLY B 51 9.46 7.46 -16.48
C GLY B 51 8.66 6.18 -16.28
N ARG B 52 7.62 6.24 -15.44
CA ARG B 52 6.79 5.06 -15.20
C ARG B 52 5.30 5.39 -15.21
N LEU B 53 4.49 4.38 -15.50
CA LEU B 53 3.04 4.50 -15.50
C LEU B 53 2.41 3.66 -14.38
N PRO B 54 1.18 4.02 -13.95
CA PRO B 54 0.37 5.13 -14.44
C PRO B 54 0.88 6.51 -14.04
N ALA B 55 0.63 7.48 -14.93
CA ALA B 55 0.86 8.88 -14.66
C ALA B 55 -0.39 9.63 -15.03
N VAL B 56 -0.71 10.68 -14.27
CA VAL B 56 -1.91 11.46 -14.50
C VAL B 56 -1.49 12.92 -14.74
N LYS B 57 -1.88 13.44 -15.91
CA LYS B 57 -1.58 14.83 -16.27
C LYS B 57 -2.86 15.65 -16.17
N ILE B 58 -2.82 16.69 -15.34
CA ILE B 58 -3.99 17.53 -15.12
C ILE B 58 -3.72 18.96 -15.56
N THR B 59 -4.52 19.42 -16.51
CA THR B 59 -4.45 20.77 -17.03
C THR B 59 -5.73 21.52 -16.70
N ASP B 60 -5.61 22.62 -15.98
CA ASP B 60 -6.78 23.47 -15.69
C ASP B 60 -7.00 24.50 -16.80
N ASN B 61 -8.05 25.31 -16.65
CA ASN B 61 -8.37 26.30 -17.69
C ASN B 61 -7.49 27.56 -17.65
N HIS B 62 -6.48 27.54 -16.77
CA HIS B 62 -5.52 28.64 -16.70
C HIS B 62 -4.08 28.16 -16.92
N GLY B 63 -3.95 27.04 -17.65
CA GLY B 63 -2.67 26.57 -18.15
C GLY B 63 -1.76 25.86 -17.17
N HIS B 64 -2.24 25.64 -15.96
CA HIS B 64 -1.46 24.92 -14.95
C HIS B 64 -1.42 23.43 -15.28
N VAL B 65 -0.21 22.87 -15.31
CA VAL B 65 -0.03 21.43 -15.52
C VAL B 65 0.45 20.76 -14.23
N LYS B 66 -0.37 19.85 -13.73
CA LYS B 66 -0.06 19.09 -12.53
C LYS B 66 0.14 17.62 -12.94
N TRP B 67 1.35 17.11 -12.70
CA TRP B 67 1.69 15.71 -12.93
C TRP B 67 1.60 14.93 -11.62
N MET B 68 0.95 13.76 -11.70
CA MET B 68 0.82 12.87 -10.55
C MET B 68 1.25 11.45 -10.92
N VAL B 69 2.02 10.84 -10.02
CA VAL B 69 2.44 9.43 -10.12
C VAL B 69 2.08 8.67 -8.84
N GLU B 70 2.29 7.35 -8.86
CA GLU B 70 1.94 6.42 -7.76
C GLU B 70 0.42 6.25 -7.65
N SER B 71 -0.07 5.19 -8.28
CA SER B 71 -1.50 4.96 -8.50
C SER B 71 -2.40 5.11 -7.28
N LEU B 72 -2.09 4.43 -6.18
CA LEU B 72 -2.95 4.48 -4.99
C LEU B 72 -2.80 5.77 -4.20
N ALA B 73 -1.68 6.47 -4.38
CA ALA B 73 -1.56 7.85 -3.88
C ALA B 73 -2.52 8.77 -4.65
N ILE B 74 -2.53 8.61 -5.98
CA ILE B 74 -3.45 9.37 -6.84
C ILE B 74 -4.90 9.04 -6.51
N ALA B 75 -5.21 7.73 -6.49
CA ALA B 75 -6.56 7.27 -6.18
C ALA B 75 -7.05 7.80 -4.83
N ARG B 76 -6.19 7.72 -3.81
CA ARG B 76 -6.50 8.20 -2.45
C ARG B 76 -6.78 9.70 -2.40
N TYR B 77 -5.96 10.47 -3.11
CA TYR B 77 -6.14 11.90 -3.29
C TYR B 77 -7.51 12.24 -3.89
N MET B 78 -7.83 11.61 -5.03
CA MET B 78 -9.11 11.84 -5.70
C MET B 78 -10.28 11.36 -4.85
N ALA B 79 -10.14 10.18 -4.26
CA ALA B 79 -11.13 9.61 -3.35
C ALA B 79 -11.44 10.53 -2.17
N LYS B 80 -10.39 11.09 -1.56
CA LYS B 80 -10.55 12.06 -0.47
C LYS B 80 -11.29 13.34 -0.90
N LYS B 81 -10.92 13.90 -2.07
CA LYS B 81 -11.63 15.07 -2.63
C LYS B 81 -13.13 14.81 -2.76
N HIS B 82 -13.49 13.57 -3.05
CA HIS B 82 -14.88 13.23 -3.35
C HIS B 82 -15.52 12.38 -2.26
N HIS B 83 -14.97 12.45 -1.05
CA HIS B 83 -15.53 11.85 0.16
C HIS B 83 -15.71 10.33 0.05
N MET B 84 -14.68 9.69 -0.49
CA MET B 84 -14.65 8.23 -0.65
C MET B 84 -13.53 7.58 0.17
N MET B 85 -13.08 8.25 1.23
CA MET B 85 -12.03 7.72 2.11
C MET B 85 -12.50 7.56 3.56
N GLY B 86 -13.82 7.63 3.76
CA GLY B 86 -14.40 7.55 5.10
C GLY B 86 -14.86 8.90 5.60
N GLY B 87 -15.93 8.89 6.38
CA GLY B 87 -16.50 10.11 6.96
C GLY B 87 -16.02 10.36 8.38
N THR B 88 -15.41 9.33 8.96
CA THR B 88 -14.83 9.39 10.29
C THR B 88 -13.47 8.69 10.29
N GLU B 89 -12.72 8.85 11.37
CA GLU B 89 -11.40 8.26 11.50
C GLU B 89 -11.45 6.73 11.53
N GLU B 90 -12.54 6.20 12.10
CA GLU B 90 -12.83 4.77 12.16
C GLU B 90 -13.13 4.18 10.77
N GLU B 91 -13.96 4.88 10.00
CA GLU B 91 -14.24 4.49 8.62
C GLU B 91 -12.97 4.56 7.77
N TYR B 92 -12.16 5.59 7.99
CA TYR B 92 -10.86 5.74 7.33
C TYR B 92 -9.96 4.51 7.57
N TYR B 93 -9.82 4.12 8.84
CA TYR B 93 -9.11 2.90 9.21
C TYR B 93 -9.63 1.69 8.44
N ASN B 94 -10.95 1.53 8.41
CA ASN B 94 -11.56 0.37 7.75
C ASN B 94 -11.40 0.36 6.24
N VAL B 95 -11.41 1.56 5.65
CA VAL B 95 -11.13 1.74 4.22
C VAL B 95 -9.71 1.26 3.96
N GLU B 96 -8.77 1.79 4.74
CA GLU B 96 -7.36 1.45 4.66
C GLU B 96 -7.05 -0.02 5.00
N LYS B 97 -7.80 -0.61 5.94
CA LYS B 97 -7.63 -2.02 6.27
C LYS B 97 -7.92 -2.89 5.05
N LEU B 98 -9.02 -2.58 4.36
CA LEU B 98 -9.42 -3.30 3.16
C LEU B 98 -8.50 -3.06 1.96
N ILE B 99 -8.03 -1.83 1.79
CA ILE B 99 -7.04 -1.55 0.74
C ILE B 99 -5.76 -2.37 0.98
N GLY B 100 -5.28 -2.38 2.23
CA GLY B 100 -4.09 -3.15 2.60
C GLY B 100 -4.22 -4.65 2.35
N GLN B 101 -5.37 -5.21 2.72
CA GLN B 101 -5.64 -6.63 2.49
C GLN B 101 -5.77 -6.96 0.98
N ALA B 102 -6.43 -6.09 0.24
CA ALA B 102 -6.61 -6.30 -1.19
C ALA B 102 -5.27 -6.19 -1.93
N GLU B 103 -4.45 -5.23 -1.51
CA GLU B 103 -3.11 -5.07 -2.08
C GLU B 103 -2.17 -6.24 -1.79
N ASP B 104 -2.35 -6.90 -0.65
CA ASP B 104 -1.63 -8.13 -0.34
C ASP B 104 -1.94 -9.21 -1.36
N LEU B 105 -3.23 -9.36 -1.64
CA LEU B 105 -3.72 -10.31 -2.61
C LEU B 105 -3.18 -9.99 -4.00
N GLU B 106 -3.18 -8.71 -4.35
CA GLU B 106 -2.65 -8.26 -5.63
C GLU B 106 -1.18 -8.66 -5.80
N HIS B 107 -0.41 -8.53 -4.73
CA HIS B 107 1.01 -8.87 -4.77
C HIS B 107 1.29 -10.37 -4.82
N GLU B 108 0.35 -11.19 -4.33
CA GLU B 108 0.38 -12.63 -4.59
C GLU B 108 0.20 -12.91 -6.08
N TYR B 109 -0.78 -12.23 -6.68
CA TYR B 109 -1.04 -12.33 -8.12
C TYR B 109 0.16 -11.86 -8.96
N TYR B 110 0.84 -10.81 -8.52
CA TYR B 110 2.05 -10.31 -9.21
C TYR B 110 3.16 -11.34 -9.41
N LYS B 111 3.28 -12.27 -8.47
CA LYS B 111 4.28 -13.36 -8.54
C LYS B 111 4.12 -14.26 -9.78
N THR B 112 2.94 -14.24 -10.40
CA THR B 112 2.67 -15.08 -11.56
C THR B 112 3.14 -14.43 -12.88
N LEU B 113 3.48 -13.15 -12.82
CA LEU B 113 3.72 -12.32 -14.02
C LEU B 113 5.17 -12.35 -14.51
N MET B 114 5.34 -12.09 -15.80
CA MET B 114 6.67 -12.02 -16.43
C MET B 114 7.42 -13.36 -16.30
N LYS B 115 6.65 -14.42 -16.13
CA LYS B 115 7.17 -15.76 -15.84
C LYS B 115 6.95 -16.65 -17.05
N PRO B 116 7.99 -17.44 -17.41
CA PRO B 116 7.85 -18.51 -18.40
C PRO B 116 6.55 -19.26 -18.20
N GLU B 117 5.92 -19.66 -19.30
CA GLU B 117 4.55 -20.12 -19.24
C GLU B 117 4.23 -21.37 -18.44
N GLU B 118 4.99 -21.67 -17.36
CA GLU B 118 4.66 -22.88 -16.56
C GLU B 118 5.43 -23.49 -15.35
N GLU B 119 6.44 -22.91 -14.69
CA GLU B 119 6.63 -21.52 -14.23
C GLU B 119 5.43 -20.76 -13.71
N LYS B 120 4.64 -20.18 -14.61
CA LYS B 120 3.44 -19.45 -14.22
C LYS B 120 2.48 -20.36 -13.47
N GLN B 121 2.36 -21.59 -13.95
CA GLN B 121 1.36 -22.54 -13.46
C GLN B 121 1.68 -23.11 -12.08
N LYS B 122 2.97 -23.28 -11.81
CA LYS B 122 3.41 -23.80 -10.51
C LYS B 122 3.24 -22.75 -9.40
N ILE B 123 3.43 -21.48 -9.78
CA ILE B 123 3.25 -20.35 -8.87
C ILE B 123 1.76 -20.19 -8.56
N ILE B 124 0.94 -20.20 -9.60
CA ILE B 124 -0.52 -20.17 -9.47
C ILE B 124 -0.99 -21.20 -8.46
N LYS B 125 -0.53 -22.44 -8.63
CA LYS B 125 -0.89 -23.54 -7.74
C LYS B 125 -0.40 -23.32 -6.32
N GLU B 126 0.82 -22.78 -6.18
CA GLU B 126 1.37 -22.45 -4.87
C GLU B 126 0.49 -21.43 -4.12
N ILE B 127 0.15 -20.33 -4.79
CA ILE B 127 -0.56 -19.22 -4.13
C ILE B 127 -2.05 -19.51 -3.89
N LEU B 128 -2.68 -20.22 -4.82
CA LEU B 128 -4.10 -20.60 -4.68
C LEU B 128 -4.30 -21.66 -3.60
N ASN B 129 -3.26 -22.43 -3.31
CA ASN B 129 -3.31 -23.37 -2.18
C ASN B 129 -2.79 -22.76 -0.90
N GLY B 130 -2.18 -21.59 -1.02
CA GLY B 130 -1.55 -20.91 0.10
C GLY B 130 -2.20 -19.61 0.50
N LYS B 131 -1.59 -18.49 0.10
CA LYS B 131 -1.96 -17.19 0.65
C LYS B 131 -3.26 -16.60 0.10
N VAL B 132 -3.62 -16.95 -1.12
CA VAL B 132 -4.83 -16.42 -1.75
C VAL B 132 -6.11 -16.70 -0.92
N PRO B 133 -6.41 -17.98 -0.59
CA PRO B 133 -7.59 -18.24 0.26
C PRO B 133 -7.52 -17.63 1.67
N VAL B 134 -6.32 -17.60 2.25
CA VAL B 134 -6.05 -16.89 3.51
C VAL B 134 -6.51 -15.42 3.42
N LEU B 135 -6.12 -14.74 2.36
CA LEU B 135 -6.45 -13.33 2.20
C LEU B 135 -7.92 -13.08 1.83
N LEU B 136 -8.48 -13.95 0.99
CA LEU B 136 -9.89 -13.85 0.63
C LEU B 136 -10.80 -13.99 1.87
N ASP B 137 -10.45 -14.90 2.78
CA ASP B 137 -11.22 -15.06 4.00
C ASP B 137 -11.09 -13.83 4.90
N ILE B 138 -9.86 -13.35 5.05
CA ILE B 138 -9.57 -12.13 5.80
C ILE B 138 -10.37 -10.94 5.23
N ILE B 139 -10.45 -10.85 3.90
CA ILE B 139 -11.26 -9.83 3.24
C ILE B 139 -12.75 -10.04 3.56
N CYS B 140 -13.17 -11.30 3.62
CA CYS B 140 -14.57 -11.63 3.96
C CYS B 140 -14.92 -11.20 5.37
N GLU B 141 -13.97 -11.32 6.30
CA GLU B 141 -14.18 -10.89 7.67
C GLU B 141 -14.32 -9.36 7.76
N SER B 142 -13.46 -8.65 7.03
CA SER B 142 -13.54 -7.19 6.88
C SER B 142 -14.91 -6.75 6.33
N LEU B 143 -15.39 -7.43 5.29
CA LEU B 143 -16.70 -7.13 4.71
C LEU B 143 -17.85 -7.38 5.68
N LYS B 144 -17.78 -8.51 6.38
CA LYS B 144 -18.75 -8.90 7.41
C LYS B 144 -18.93 -7.84 8.50
N ALA B 145 -17.86 -7.11 8.82
CA ALA B 145 -17.85 -6.15 9.92
C ALA B 145 -18.37 -4.76 9.52
N SER B 146 -18.65 -4.57 8.24
CA SER B 146 -19.20 -3.30 7.75
C SER B 146 -20.58 -3.07 8.34
N THR B 147 -20.88 -1.80 8.65
CA THR B 147 -22.19 -1.42 9.18
C THR B 147 -23.22 -1.33 8.06
N GLY B 148 -22.74 -1.29 6.81
CA GLY B 148 -23.61 -1.14 5.66
C GLY B 148 -23.48 -2.18 4.56
N LYS B 149 -24.04 -1.85 3.40
CA LYS B 149 -24.09 -2.73 2.24
C LYS B 149 -22.78 -2.82 1.47
N LEU B 150 -21.92 -1.84 1.67
CA LEU B 150 -20.64 -1.76 0.98
C LEU B 150 -19.50 -2.10 1.94
N ALA B 151 -18.25 -1.94 1.48
CA ALA B 151 -17.07 -2.28 2.27
C ALA B 151 -17.07 -1.57 3.62
N VAL B 152 -17.37 -0.28 3.58
CA VAL B 152 -17.41 0.55 4.77
C VAL B 152 -18.65 1.43 4.65
N GLY B 153 -19.65 1.15 5.48
CA GLY B 153 -20.92 1.86 5.45
C GLY B 153 -21.73 1.62 4.18
N ASP B 154 -22.42 2.66 3.73
CA ASP B 154 -23.41 2.57 2.66
C ASP B 154 -23.00 3.27 1.37
N LYS B 155 -22.06 4.21 1.46
CA LYS B 155 -21.59 4.95 0.30
C LYS B 155 -20.27 4.38 -0.21
N VAL B 156 -19.97 4.59 -1.49
CA VAL B 156 -18.75 4.05 -2.11
C VAL B 156 -17.49 4.68 -1.54
N THR B 157 -16.48 3.84 -1.32
CA THR B 157 -15.18 4.29 -0.87
C THR B 157 -14.14 3.66 -1.80
N LEU B 158 -12.88 4.08 -1.66
CA LEU B 158 -11.80 3.51 -2.48
C LEU B 158 -11.62 2.00 -2.25
N ALA B 159 -11.96 1.53 -1.05
CA ALA B 159 -11.88 0.11 -0.69
C ALA B 159 -12.77 -0.78 -1.56
N ASP B 160 -13.98 -0.31 -1.86
CA ASP B 160 -14.89 -1.01 -2.78
C ASP B 160 -14.25 -1.29 -4.13
N LEU B 161 -13.55 -0.28 -4.64
CA LEU B 161 -13.03 -0.26 -6.02
C LEU B 161 -11.75 -1.06 -6.12
N VAL B 162 -10.88 -0.89 -5.13
CA VAL B 162 -9.67 -1.67 -5.00
C VAL B 162 -10.01 -3.16 -4.88
N LEU B 163 -11.07 -3.50 -4.14
CA LEU B 163 -11.42 -4.90 -3.93
C LEU B 163 -11.84 -5.61 -5.22
N ILE B 164 -12.73 -4.98 -6.00
CA ILE B 164 -13.25 -5.63 -7.20
C ILE B 164 -12.19 -5.77 -8.30
N ALA B 165 -11.23 -4.84 -8.35
CA ALA B 165 -10.12 -4.94 -9.31
C ALA B 165 -9.21 -6.13 -9.00
N VAL B 166 -8.88 -6.31 -7.72
CA VAL B 166 -8.04 -7.44 -7.30
C VAL B 166 -8.73 -8.80 -7.47
N ILE B 167 -10.03 -8.86 -7.17
CA ILE B 167 -10.80 -10.08 -7.44
C ILE B 167 -10.74 -10.47 -8.92
N ASP B 168 -10.81 -9.48 -9.81
CA ASP B 168 -10.63 -9.71 -11.25
C ASP B 168 -9.28 -10.33 -11.61
N HIS B 169 -8.23 -9.96 -10.89
CA HIS B 169 -6.94 -10.59 -11.07
C HIS B 169 -6.90 -12.02 -10.57
N VAL B 170 -7.62 -12.30 -9.48
CA VAL B 170 -7.74 -13.65 -8.93
C VAL B 170 -8.47 -14.56 -9.92
N THR B 171 -9.56 -14.07 -10.49
CA THR B 171 -10.32 -14.85 -11.48
C THR B 171 -9.56 -15.01 -12.80
N ASP B 172 -8.64 -14.08 -13.08
CA ASP B 172 -7.70 -14.26 -14.21
C ASP B 172 -6.84 -15.50 -14.01
N LEU B 173 -6.46 -15.78 -12.77
CA LEU B 173 -5.65 -16.95 -12.46
C LEU B 173 -6.46 -18.24 -12.51
N ASP B 174 -7.71 -18.16 -12.06
CA ASP B 174 -8.62 -19.28 -12.00
C ASP B 174 -10.04 -18.73 -11.92
N LYS B 175 -10.78 -18.87 -13.02
CA LYS B 175 -12.11 -18.28 -13.12
C LYS B 175 -13.12 -18.74 -12.04
N GLU B 176 -12.98 -19.97 -11.57
CA GLU B 176 -13.94 -20.57 -10.64
C GLU B 176 -13.49 -20.58 -9.17
N PHE B 177 -12.43 -19.83 -8.85
CA PHE B 177 -11.87 -19.90 -7.50
C PHE B 177 -12.83 -19.46 -6.39
N LEU B 178 -13.70 -18.50 -6.70
CA LEU B 178 -14.72 -18.02 -5.73
C LEU B 178 -16.11 -18.65 -5.94
N THR B 179 -16.24 -19.52 -6.94
CA THR B 179 -17.52 -20.18 -7.19
C THR B 179 -17.92 -21.04 -6.00
N GLY B 180 -19.08 -20.77 -5.43
CA GLY B 180 -19.60 -21.52 -4.30
C GLY B 180 -18.93 -21.14 -2.99
N LYS B 181 -18.06 -20.13 -3.02
CA LYS B 181 -17.31 -19.68 -1.84
C LYS B 181 -17.37 -18.16 -1.64
N TYR B 182 -16.79 -17.71 -0.52
CA TYR B 182 -16.67 -16.29 -0.17
C TYR B 182 -17.94 -15.49 -0.48
N PRO B 183 -19.06 -15.84 0.17
CA PRO B 183 -20.34 -15.17 -0.05
C PRO B 183 -20.29 -13.65 0.14
N GLU B 184 -19.47 -13.17 1.09
CA GLU B 184 -19.34 -11.73 1.35
C GLU B 184 -18.77 -10.97 0.15
N ILE B 185 -17.85 -11.59 -0.59
CA ILE B 185 -17.20 -10.95 -1.73
C ILE B 185 -18.16 -10.80 -2.92
N HIS B 186 -18.89 -11.86 -3.24
CA HIS B 186 -19.93 -11.82 -4.27
C HIS B 186 -21.00 -10.80 -3.93
N LYS B 187 -21.50 -10.85 -2.70
CA LYS B 187 -22.54 -9.93 -2.25
C LYS B 187 -22.05 -8.49 -2.34
N HIS B 188 -20.77 -8.28 -2.01
CA HIS B 188 -20.16 -6.96 -2.10
C HIS B 188 -20.22 -6.40 -3.52
N ARG B 189 -19.75 -7.18 -4.50
CA ARG B 189 -19.74 -6.74 -5.90
C ARG B 189 -21.16 -6.40 -6.37
N GLU B 190 -22.11 -7.24 -5.96
CA GLU B 190 -23.52 -7.06 -6.28
C GLU B 190 -24.11 -5.75 -5.70
N ASN B 191 -23.85 -5.49 -4.42
CA ASN B 191 -24.24 -4.24 -3.75
C ASN B 191 -23.51 -3.01 -4.30
N LEU B 192 -22.28 -3.20 -4.76
CA LEU B 192 -21.50 -2.09 -5.30
C LEU B 192 -22.06 -1.61 -6.63
N LEU B 193 -22.37 -2.55 -7.52
CA LEU B 193 -22.89 -2.20 -8.85
C LEU B 193 -24.31 -1.64 -8.78
N ALA B 194 -25.08 -2.10 -7.81
CA ALA B 194 -26.41 -1.57 -7.52
C ALA B 194 -26.36 -0.11 -7.03
N SER B 195 -25.42 0.16 -6.13
CA SER B 195 -25.20 1.50 -5.59
C SER B 195 -24.55 2.47 -6.58
N SER B 196 -23.88 1.93 -7.60
CA SER B 196 -23.15 2.76 -8.55
C SER B 196 -23.39 2.37 -10.02
N PRO B 197 -24.51 2.85 -10.59
CA PRO B 197 -24.83 2.68 -12.02
C PRO B 197 -23.71 3.12 -12.95
N ARG B 198 -23.00 4.20 -12.60
CA ARG B 198 -21.82 4.67 -13.34
C ARG B 198 -20.73 3.59 -13.42
N LEU B 199 -20.42 2.97 -12.28
CA LEU B 199 -19.42 1.91 -12.26
C LEU B 199 -19.90 0.67 -13.01
N ALA B 200 -21.15 0.28 -12.75
CA ALA B 200 -21.79 -0.81 -13.51
C ALA B 200 -21.75 -0.57 -15.03
N LYS B 201 -22.04 0.65 -15.45
CA LYS B 201 -21.94 1.03 -16.87
C LYS B 201 -20.52 0.88 -17.39
N TYR B 202 -19.57 1.42 -16.62
CA TYR B 202 -18.15 1.39 -16.94
C TYR B 202 -17.60 -0.02 -17.10
N LEU B 203 -17.98 -0.93 -16.21
CA LEU B 203 -17.51 -2.33 -16.25
C LEU B 203 -18.14 -3.10 -17.40
N SER B 204 -19.33 -2.70 -17.82
CA SER B 204 -19.96 -3.28 -19.01
C SER B 204 -19.25 -2.89 -20.30
N ASP B 205 -18.83 -1.62 -20.37
CA ASP B 205 -18.24 -1.08 -21.60
C ASP B 205 -16.73 -1.24 -21.68
N ARG B 206 -16.15 -1.90 -20.68
CA ARG B 206 -14.71 -2.07 -20.59
C ARG B 206 -14.24 -3.23 -21.45
N ALA B 207 -13.35 -2.96 -22.39
CA ALA B 207 -12.79 -3.99 -23.25
C ALA B 207 -11.95 -4.97 -22.45
N ALA B 208 -11.99 -6.24 -22.85
CA ALA B 208 -11.21 -7.30 -22.22
C ALA B 208 -9.71 -7.01 -22.32
N THR B 209 -9.03 -7.20 -21.20
CA THR B 209 -7.61 -6.96 -21.07
C THR B 209 -6.98 -8.14 -20.32
N PRO B 210 -5.78 -8.59 -20.76
CA PRO B 210 -5.10 -9.72 -20.10
C PRO B 210 -4.52 -9.46 -18.69
N PHE B 211 -4.38 -8.21 -18.26
CA PHE B 211 -3.79 -7.91 -16.94
C PHE B 211 -4.45 -6.72 -16.24
#